data_6ISB
#
_entry.id   6ISB
#
_cell.length_a   57.879
_cell.length_b   118.492
_cell.length_c   123.171
_cell.angle_alpha   90.00
_cell.angle_beta   90.00
_cell.angle_gamma   90.00
#
_symmetry.space_group_name_H-M   'P 21 21 21'
#
_entity_poly.entity_id   1
_entity_poly.type   'polypeptide(L)'
_entity_poly.pdbx_seq_one_letter_code
;EEVLWHTSVPFAENMSLECVYPSMGILTQVEWFKIGTQQDSIAIFSPTHGMVIRKPYAERVYFLNSTMASNNMTLFFRNA
SEDDVGYYSCSLYTYPQGTWQKVIQVVQSDSFEAAVPSNSHIVSEPGKNVTLTCQPQMTWPVQAVRWEKIQPRQIDLLTY
CNLVHGRNFTSKFPRQIVSNCSHGRWSVIVIPDVTVSDSGLYRCYLQASAGENETFVMRLTVAEGKTDNQYT
;
_entity_poly.pdbx_strand_id   A,B,C
#
# COMPACT_ATOMS: atom_id res chain seq x y z
N VAL A 3 -2.98 7.15 -7.25
CA VAL A 3 -4.41 7.40 -7.18
C VAL A 3 -4.75 8.81 -7.68
N LEU A 4 -5.43 8.89 -8.82
CA LEU A 4 -5.87 10.15 -9.38
C LEU A 4 -7.37 10.38 -9.27
N TRP A 5 -8.11 9.42 -8.72
CA TRP A 5 -9.57 9.45 -8.73
C TRP A 5 -10.08 8.55 -7.62
N HIS A 6 -10.87 9.11 -6.71
CA HIS A 6 -11.35 8.40 -5.53
C HIS A 6 -12.82 8.75 -5.34
N THR A 7 -13.69 7.73 -5.37
CA THR A 7 -15.12 7.92 -5.18
C THR A 7 -15.64 6.96 -4.13
N SER A 8 -16.82 7.26 -3.61
CA SER A 8 -17.54 6.37 -2.70
C SER A 8 -18.96 6.18 -3.23
N VAL A 9 -19.43 4.93 -3.22
CA VAL A 9 -20.78 4.63 -3.71
C VAL A 9 -21.47 3.70 -2.72
N PRO A 10 -22.80 3.80 -2.65
CA PRO A 10 -23.54 2.93 -1.72
C PRO A 10 -23.57 1.50 -2.21
N PHE A 11 -23.52 0.56 -1.26
CA PHE A 11 -23.67 -0.85 -1.59
C PHE A 11 -25.05 -1.13 -2.18
N ALA A 12 -25.10 -2.01 -3.17
CA ALA A 12 -26.35 -2.53 -3.68
C ALA A 12 -26.08 -3.89 -4.31
N GLU A 13 -27.12 -4.72 -4.37
CA GLU A 13 -26.98 -6.03 -4.99
C GLU A 13 -26.61 -5.92 -6.46
N ASN A 14 -27.04 -4.84 -7.12
CA ASN A 14 -26.75 -4.59 -8.52
C ASN A 14 -25.85 -3.37 -8.69
N MET A 15 -24.98 -3.11 -7.72
CA MET A 15 -24.11 -1.94 -7.80
C MET A 15 -23.12 -2.07 -8.95
N SER A 16 -22.80 -0.94 -9.56
CA SER A 16 -21.80 -0.84 -10.61
C SER A 16 -20.70 0.11 -10.16
N LEU A 17 -19.44 -0.31 -10.28
CA LEU A 17 -18.29 0.49 -9.85
C LEU A 17 -17.72 1.17 -11.09
N GLU A 18 -18.07 2.44 -11.27
CA GLU A 18 -17.75 3.19 -12.49
C GLU A 18 -16.24 3.35 -12.66
N CYS A 19 -15.75 3.03 -13.87
CA CYS A 19 -14.35 3.30 -14.22
C CYS A 19 -14.28 3.57 -15.72
N VAL A 20 -14.33 4.84 -16.10
CA VAL A 20 -14.24 5.27 -17.48
C VAL A 20 -12.94 6.06 -17.64
N TYR A 21 -12.06 5.58 -18.51
CA TYR A 21 -10.79 6.31 -18.45
C TYR A 21 -10.76 7.39 -19.52
N PRO A 22 -10.13 8.53 -19.21
CA PRO A 22 -9.95 9.57 -20.24
C PRO A 22 -8.89 9.14 -21.24
N SER A 23 -9.15 9.41 -22.51
CA SER A 23 -8.13 9.16 -23.53
C SER A 23 -6.85 9.89 -23.15
N MET A 24 -5.81 9.11 -22.82
CA MET A 24 -4.52 9.67 -22.42
C MET A 24 -3.45 8.68 -22.89
N GLY A 25 -2.82 9.00 -24.02
CA GLY A 25 -1.84 8.03 -24.49
C GLY A 25 -2.55 6.76 -24.96
N ILE A 26 -1.78 5.67 -24.95
CA ILE A 26 -2.24 4.36 -25.40
C ILE A 26 -2.58 3.52 -24.17
N LEU A 27 -3.82 3.01 -24.12
CA LEU A 27 -4.17 2.05 -23.09
C LEU A 27 -3.48 0.72 -23.39
N THR A 28 -2.78 0.16 -22.41
CA THR A 28 -2.08 -1.09 -22.63
C THR A 28 -2.63 -2.24 -21.80
N GLN A 29 -3.30 -1.95 -20.69
CA GLN A 29 -3.85 -2.97 -19.81
C GLN A 29 -4.74 -2.30 -18.78
N VAL A 30 -5.71 -3.05 -18.28
CA VAL A 30 -6.55 -2.64 -17.15
C VAL A 30 -6.64 -3.84 -16.22
N GLU A 31 -6.62 -3.58 -14.90
CA GLU A 31 -6.85 -4.62 -13.92
C GLU A 31 -7.68 -4.10 -12.74
N TRP A 32 -8.67 -4.89 -12.35
CA TRP A 32 -9.53 -4.62 -11.20
C TRP A 32 -9.08 -5.43 -9.99
N PHE A 33 -9.01 -4.79 -8.83
CA PHE A 33 -8.66 -5.46 -7.58
C PHE A 33 -9.66 -5.12 -6.49
N LYS A 34 -9.87 -6.08 -5.59
CA LYS A 34 -10.44 -5.80 -4.28
C LYS A 34 -9.28 -5.43 -3.36
N ILE A 35 -9.36 -4.27 -2.74
CA ILE A 35 -8.30 -3.79 -1.85
C ILE A 35 -8.46 -4.41 -0.47
N GLY A 36 -7.39 -5.01 0.02
CA GLY A 36 -7.28 -5.38 1.42
C GLY A 36 -5.85 -5.15 1.83
N THR A 37 -5.40 -5.77 2.93
CA THR A 37 -3.98 -5.81 3.19
C THR A 37 -3.26 -6.49 2.03
N GLN A 38 -3.89 -7.51 1.46
CA GLN A 38 -3.46 -8.15 0.22
C GLN A 38 -4.49 -7.87 -0.86
N GLN A 39 -4.02 -7.42 -2.02
CA GLN A 39 -4.92 -7.17 -3.14
C GLN A 39 -5.45 -8.48 -3.72
N ASP A 40 -6.75 -8.50 -4.02
CA ASP A 40 -7.42 -9.67 -4.60
C ASP A 40 -7.83 -9.30 -6.02
N SER A 41 -7.23 -9.98 -7.00
CA SER A 41 -7.49 -9.65 -8.40
C SER A 41 -8.89 -10.09 -8.79
N ILE A 42 -9.61 -9.20 -9.47
CA ILE A 42 -10.97 -9.46 -9.92
C ILE A 42 -11.02 -9.78 -11.41
N ALA A 43 -10.40 -8.92 -12.22
CA ALA A 43 -10.45 -9.03 -13.67
C ALA A 43 -9.23 -8.33 -14.25
N ILE A 44 -8.84 -8.76 -15.45
CA ILE A 44 -7.71 -8.14 -16.15
C ILE A 44 -8.07 -8.03 -17.62
N PHE A 45 -7.76 -6.90 -18.23
CA PHE A 45 -8.19 -6.59 -19.59
C PHE A 45 -6.99 -6.33 -20.49
N SER A 46 -6.97 -7.01 -21.63
CA SER A 46 -6.04 -6.74 -22.72
C SER A 46 -6.78 -5.98 -23.83
N PRO A 47 -6.22 -4.88 -24.34
CA PRO A 47 -6.87 -4.18 -25.46
C PRO A 47 -6.81 -4.96 -26.75
N THR A 48 -6.11 -6.09 -26.77
CA THR A 48 -6.00 -6.97 -27.91
C THR A 48 -6.75 -8.28 -27.70
N HIS A 49 -6.61 -8.89 -26.52
CA HIS A 49 -7.13 -10.22 -26.26
C HIS A 49 -8.39 -10.23 -25.40
N GLY A 50 -8.83 -9.10 -24.88
CA GLY A 50 -10.08 -9.05 -24.14
C GLY A 50 -9.92 -9.24 -22.65
N MET A 51 -11.06 -9.52 -22.03
CA MET A 51 -11.20 -9.53 -20.57
C MET A 51 -11.11 -10.94 -20.02
N VAL A 52 -10.40 -11.08 -18.90
CA VAL A 52 -10.36 -12.31 -18.12
C VAL A 52 -10.83 -11.99 -16.71
N ILE A 53 -11.90 -12.63 -16.28
CA ILE A 53 -12.39 -12.52 -14.92
C ILE A 53 -11.77 -13.66 -14.11
N ARG A 54 -11.22 -13.32 -12.95
CA ARG A 54 -10.67 -14.36 -12.09
C ARG A 54 -11.78 -15.28 -11.62
N LYS A 55 -11.41 -16.55 -11.41
CA LYS A 55 -12.41 -17.57 -11.09
C LYS A 55 -13.27 -17.25 -9.87
N PRO A 56 -12.73 -16.76 -8.74
CA PRO A 56 -13.63 -16.44 -7.61
C PRO A 56 -14.69 -15.39 -7.93
N TYR A 57 -14.58 -14.68 -9.05
CA TYR A 57 -15.55 -13.66 -9.41
C TYR A 57 -16.32 -13.98 -10.68
N ALA A 58 -16.11 -15.18 -11.25
CA ALA A 58 -16.64 -15.48 -12.58
C ALA A 58 -18.16 -15.33 -12.65
N GLU A 59 -18.87 -15.72 -11.59
CA GLU A 59 -20.32 -15.66 -11.57
C GLU A 59 -20.84 -14.44 -10.82
N ARG A 60 -19.96 -13.54 -10.39
CA ARG A 60 -20.35 -12.41 -9.55
C ARG A 60 -20.28 -11.06 -10.25
N VAL A 61 -19.45 -10.91 -11.27
CA VAL A 61 -19.27 -9.62 -11.93
C VAL A 61 -19.37 -9.77 -13.44
N TYR A 62 -19.67 -8.64 -14.10
CA TYR A 62 -19.67 -8.58 -15.56
C TYR A 62 -19.36 -7.17 -16.01
N PHE A 63 -19.16 -7.03 -17.33
CA PHE A 63 -18.89 -5.75 -17.96
C PHE A 63 -19.88 -5.56 -19.10
N LEU A 64 -20.09 -4.32 -19.48
CA LEU A 64 -20.95 -4.03 -20.61
C LEU A 64 -20.19 -4.17 -21.92
N ASN A 65 -20.90 -4.58 -22.96
CA ASN A 65 -20.32 -4.62 -24.30
C ASN A 65 -20.46 -3.21 -24.92
N SER A 66 -19.75 -2.28 -24.29
CA SER A 66 -19.72 -0.91 -24.76
C SER A 66 -18.68 -0.75 -25.87
N THR A 67 -18.84 0.29 -26.69
CA THR A 67 -17.90 0.50 -27.78
C THR A 67 -16.52 0.83 -27.23
N MET A 68 -15.51 0.54 -28.05
CA MET A 68 -14.11 0.70 -27.66
C MET A 68 -13.83 2.12 -27.20
N ALA A 69 -14.25 3.11 -27.99
CA ALA A 69 -14.01 4.50 -27.66
C ALA A 69 -14.87 5.00 -26.50
N SER A 70 -15.70 4.15 -25.89
CA SER A 70 -16.35 4.52 -24.65
C SER A 70 -15.41 4.47 -23.46
N ASN A 71 -14.26 3.81 -23.60
CA ASN A 71 -13.25 3.70 -22.55
C ASN A 71 -13.82 3.13 -21.26
N ASN A 72 -14.79 2.23 -21.35
CA ASN A 72 -15.62 1.85 -20.21
C ASN A 72 -15.11 0.53 -19.62
N MET A 73 -14.60 0.61 -18.39
CA MET A 73 -14.18 -0.56 -17.62
C MET A 73 -15.05 -0.78 -16.39
N THR A 74 -16.27 -0.23 -16.39
CA THR A 74 -17.13 -0.25 -15.22
C THR A 74 -17.45 -1.68 -14.80
N LEU A 75 -17.30 -1.96 -13.50
CA LEU A 75 -17.50 -3.28 -12.93
C LEU A 75 -18.94 -3.40 -12.42
N PHE A 76 -19.66 -4.43 -12.87
CA PHE A 76 -21.05 -4.66 -12.52
C PHE A 76 -21.17 -5.93 -11.68
N PHE A 77 -21.91 -5.84 -10.58
CA PHE A 77 -22.15 -6.98 -9.71
C PHE A 77 -23.49 -7.64 -10.04
N ARG A 78 -23.50 -8.97 -10.04
CA ARG A 78 -24.71 -9.74 -10.33
C ARG A 78 -25.68 -9.70 -9.16
N ASN A 79 -25.26 -10.26 -8.03
CA ASN A 79 -25.98 -10.23 -6.76
C ASN A 79 -24.91 -10.03 -5.68
N ALA A 80 -24.62 -8.76 -5.41
CA ALA A 80 -23.58 -8.46 -4.43
C ALA A 80 -24.09 -8.78 -3.03
N SER A 81 -23.14 -9.10 -2.14
CA SER A 81 -23.44 -9.40 -0.75
C SER A 81 -22.51 -8.58 0.13
N GLU A 82 -22.65 -8.77 1.45
CA GLU A 82 -21.93 -7.93 2.40
C GLU A 82 -20.42 -8.03 2.24
N ASP A 83 -19.92 -9.16 1.75
CA ASP A 83 -18.49 -9.30 1.55
C ASP A 83 -17.95 -8.43 0.41
N ASP A 84 -18.81 -7.83 -0.39
CA ASP A 84 -18.38 -6.95 -1.47
C ASP A 84 -18.28 -5.50 -1.04
N VAL A 85 -18.61 -5.20 0.21
CA VAL A 85 -18.31 -3.91 0.80
C VAL A 85 -16.81 -3.74 0.90
N GLY A 86 -16.33 -2.50 0.76
CA GLY A 86 -14.92 -2.20 0.93
C GLY A 86 -14.35 -1.39 -0.22
N TYR A 87 -13.03 -1.37 -0.29
CA TYR A 87 -12.28 -0.56 -1.26
C TYR A 87 -11.95 -1.39 -2.50
N TYR A 88 -12.06 -0.75 -3.67
CA TYR A 88 -11.73 -1.34 -4.95
C TYR A 88 -10.73 -0.47 -5.70
N SER A 89 -9.97 -1.11 -6.59
CA SER A 89 -9.00 -0.43 -7.46
C SER A 89 -9.26 -0.78 -8.92
N CYS A 90 -9.45 0.26 -9.74
CA CYS A 90 -9.47 0.12 -11.20
C CYS A 90 -8.16 0.71 -11.71
N SER A 91 -7.24 -0.17 -12.08
CA SER A 91 -5.88 0.22 -12.42
C SER A 91 -5.74 0.31 -13.94
N LEU A 92 -5.35 1.51 -14.41
CA LEU A 92 -5.15 1.78 -15.83
C LEU A 92 -3.66 1.82 -16.13
N TYR A 93 -3.23 1.04 -17.11
CA TYR A 93 -1.84 1.02 -17.53
C TYR A 93 -1.78 1.61 -18.94
N THR A 94 -1.05 2.71 -19.07
CA THR A 94 -1.01 3.49 -20.30
C THR A 94 0.43 3.81 -20.68
N TYR A 95 0.66 3.95 -21.98
CA TYR A 95 1.95 4.29 -22.54
C TYR A 95 1.81 5.56 -23.36
N PRO A 96 2.71 6.54 -23.21
CA PRO A 96 3.87 6.54 -22.30
C PRO A 96 3.64 7.13 -20.90
N GLN A 97 2.42 7.58 -20.58
CA GLN A 97 2.21 8.30 -19.33
C GLN A 97 2.48 7.42 -18.11
N GLY A 98 2.18 6.14 -18.19
CA GLY A 98 2.42 5.26 -17.07
C GLY A 98 1.15 4.71 -16.44
N THR A 99 1.23 4.33 -15.17
CA THR A 99 0.15 3.70 -14.44
C THR A 99 -0.61 4.75 -13.65
N TRP A 100 -1.94 4.66 -13.68
CA TRP A 100 -2.75 5.40 -12.72
C TRP A 100 -3.93 4.54 -12.29
N GLN A 101 -4.50 4.94 -11.17
CA GLN A 101 -5.41 4.12 -10.40
C GLN A 101 -6.61 4.94 -9.95
N LYS A 102 -7.80 4.36 -10.09
CA LYS A 102 -9.00 4.91 -9.50
C LYS A 102 -9.46 4.01 -8.36
N VAL A 103 -9.63 4.59 -7.17
CA VAL A 103 -10.07 3.87 -5.99
C VAL A 103 -11.54 4.16 -5.76
N ILE A 104 -12.34 3.11 -5.55
CA ILE A 104 -13.76 3.22 -5.28
C ILE A 104 -14.03 2.51 -3.97
N GLN A 105 -14.69 3.20 -3.04
CA GLN A 105 -15.12 2.59 -1.79
C GLN A 105 -16.62 2.29 -1.84
N VAL A 106 -16.97 1.05 -1.54
CA VAL A 106 -18.37 0.65 -1.40
C VAL A 106 -18.71 0.71 0.08
N VAL A 107 -19.68 1.56 0.42
CA VAL A 107 -20.10 1.73 1.81
C VAL A 107 -21.57 1.36 1.92
N GLN A 108 -21.97 0.94 3.12
CA GLN A 108 -23.37 0.77 3.46
C GLN A 108 -23.96 2.15 3.72
N SER A 109 -24.83 2.63 2.83
CA SER A 109 -25.27 4.01 2.98
C SER A 109 -26.48 4.31 2.12
N ASP A 110 -27.28 5.24 2.64
CA ASP A 110 -28.40 5.87 1.96
C ASP A 110 -27.83 6.97 1.04
N SER A 111 -28.68 7.81 0.47
CA SER A 111 -28.23 9.00 -0.25
C SER A 111 -27.23 9.79 0.59
N PHE A 112 -26.08 10.09 -0.01
CA PHE A 112 -25.04 10.82 0.73
C PHE A 112 -25.45 12.24 1.05
N GLU A 113 -26.45 12.78 0.33
CA GLU A 113 -26.98 14.10 0.68
C GLU A 113 -27.75 14.07 1.99
N ALA A 114 -28.37 12.94 2.32
CA ALA A 114 -29.18 12.86 3.53
C ALA A 114 -28.33 13.04 4.79
N ALA A 115 -27.06 12.62 4.74
CA ALA A 115 -26.19 12.75 5.89
C ALA A 115 -25.69 14.17 6.12
N VAL A 116 -25.88 15.06 5.15
CA VAL A 116 -25.31 16.40 5.28
C VAL A 116 -26.36 17.48 5.03
N PRO A 117 -26.66 18.32 6.04
CA PRO A 117 -27.41 19.55 5.78
C PRO A 117 -26.45 20.68 5.39
N SER A 118 -26.82 21.47 4.37
CA SER A 118 -25.96 22.54 3.89
C SER A 118 -25.77 23.61 4.96
N ASN A 119 -24.53 24.05 5.15
CA ASN A 119 -24.19 25.18 6.01
C ASN A 119 -24.20 26.49 5.26
N SER A 120 -24.45 26.45 3.95
CA SER A 120 -24.23 27.60 3.08
C SER A 120 -24.75 27.30 1.68
N HIS A 121 -25.11 28.34 0.95
CA HIS A 121 -25.63 28.21 -0.40
C HIS A 121 -24.99 29.30 -1.25
N ILE A 122 -24.53 28.93 -2.44
CA ILE A 122 -24.00 29.91 -3.40
C ILE A 122 -24.64 29.64 -4.75
N VAL A 123 -25.06 30.72 -5.41
CA VAL A 123 -25.62 30.66 -6.75
C VAL A 123 -24.63 31.34 -7.68
N SER A 124 -24.23 30.64 -8.74
CA SER A 124 -23.33 31.19 -9.74
C SER A 124 -23.93 30.91 -11.11
N GLU A 125 -23.21 31.34 -12.14
CA GLU A 125 -23.62 31.12 -13.51
C GLU A 125 -22.59 30.29 -14.25
N PRO A 126 -22.99 29.61 -15.32
CA PRO A 126 -22.00 28.83 -16.08
C PRO A 126 -20.94 29.75 -16.67
N GLY A 127 -19.70 29.28 -16.66
CA GLY A 127 -18.56 30.01 -17.16
C GLY A 127 -17.73 30.66 -16.08
N LYS A 128 -18.31 30.92 -14.92
CA LYS A 128 -17.59 31.56 -13.83
C LYS A 128 -16.77 30.55 -13.05
N ASN A 129 -15.69 31.03 -12.45
CA ASN A 129 -14.95 30.28 -11.45
C ASN A 129 -15.65 30.46 -10.11
N VAL A 130 -15.73 29.39 -9.34
CA VAL A 130 -16.38 29.38 -8.04
C VAL A 130 -15.33 29.07 -6.99
N THR A 131 -15.14 29.99 -6.05
CA THR A 131 -14.17 29.81 -4.98
C THR A 131 -14.90 29.32 -3.73
N LEU A 132 -14.44 28.21 -3.18
CA LEU A 132 -15.01 27.63 -1.97
C LEU A 132 -13.97 27.67 -0.87
N THR A 133 -14.43 27.86 0.37
CA THR A 133 -13.54 27.95 1.51
C THR A 133 -14.01 27.05 2.64
N CYS A 134 -13.03 26.55 3.40
CA CYS A 134 -13.32 25.89 4.66
C CYS A 134 -13.66 26.95 5.70
N GLN A 135 -13.97 26.51 6.91
CA GLN A 135 -14.23 27.41 8.03
C GLN A 135 -13.33 27.01 9.18
N PRO A 136 -12.00 27.24 9.05
CA PRO A 136 -11.07 26.93 10.14
C PRO A 136 -11.52 27.54 11.47
N GLN A 137 -11.43 26.81 12.57
CA GLN A 137 -11.90 27.40 13.83
C GLN A 137 -10.85 27.53 14.92
N MET A 138 -10.36 26.41 15.41
CA MET A 138 -9.88 26.35 16.78
C MET A 138 -8.38 26.61 16.86
N THR A 139 -7.90 26.66 18.11
CA THR A 139 -6.48 26.55 18.38
C THR A 139 -5.99 25.13 18.16
N TRP A 140 -6.89 24.17 18.02
CA TRP A 140 -6.48 22.79 17.84
C TRP A 140 -5.82 22.62 16.47
N PRO A 141 -4.62 22.04 16.41
CA PRO A 141 -3.97 21.84 15.11
C PRO A 141 -4.81 20.97 14.20
N VAL A 142 -4.91 21.37 12.93
CA VAL A 142 -5.62 20.58 11.92
C VAL A 142 -4.66 19.53 11.39
N GLN A 143 -4.98 18.26 11.63
CA GLN A 143 -4.13 17.17 11.16
C GLN A 143 -4.34 16.90 9.68
N ALA A 144 -5.59 16.88 9.23
CA ALA A 144 -5.92 16.52 7.86
C ALA A 144 -7.13 17.32 7.39
N VAL A 145 -7.11 17.66 6.11
CA VAL A 145 -8.13 18.48 5.46
C VAL A 145 -8.59 17.72 4.22
N ARG A 146 -9.91 17.62 4.03
CA ARG A 146 -10.39 16.94 2.83
C ARG A 146 -11.61 17.63 2.26
N TRP A 147 -11.63 17.72 0.93
CA TRP A 147 -12.71 18.30 0.14
C TRP A 147 -13.40 17.20 -0.65
N GLU A 148 -14.72 17.19 -0.62
CA GLU A 148 -15.50 16.20 -1.34
C GLU A 148 -16.66 16.88 -2.07
N LYS A 149 -16.98 16.38 -3.26
CA LYS A 149 -18.25 16.69 -3.92
C LYS A 149 -19.24 15.59 -3.59
N ILE A 150 -20.43 15.98 -3.15
CA ILE A 150 -21.42 15.05 -2.64
C ILE A 150 -22.63 15.04 -3.55
N GLN A 151 -23.00 13.87 -4.02
CA GLN A 151 -24.22 13.60 -4.77
C GLN A 151 -24.95 12.50 -4.01
N PRO A 152 -26.23 12.28 -4.29
CA PRO A 152 -26.94 11.21 -3.57
C PRO A 152 -26.32 9.83 -3.74
N ARG A 153 -25.86 9.47 -4.93
CA ARG A 153 -25.31 8.14 -5.17
C ARG A 153 -23.80 8.10 -5.15
N GLN A 154 -23.13 9.22 -4.96
CA GLN A 154 -21.69 9.21 -5.13
C GLN A 154 -21.05 10.39 -4.42
N ILE A 155 -19.93 10.12 -3.75
CA ILE A 155 -19.03 11.13 -3.25
C ILE A 155 -17.77 11.08 -4.11
N ASP A 156 -17.36 12.22 -4.62
CA ASP A 156 -16.08 12.35 -5.31
C ASP A 156 -15.11 13.06 -4.38
N LEU A 157 -14.03 12.37 -4.03
CA LEU A 157 -13.00 12.95 -3.18
C LEU A 157 -12.16 13.89 -4.03
N LEU A 158 -12.25 15.18 -3.75
CA LEU A 158 -11.60 16.18 -4.59
C LEU A 158 -10.14 16.40 -4.22
N THR A 159 -9.81 16.34 -2.94
CA THR A 159 -8.45 16.55 -2.45
C THR A 159 -8.41 16.28 -0.95
N TYR A 160 -7.25 15.85 -0.48
CA TYR A 160 -7.00 15.90 0.95
C TYR A 160 -5.55 16.25 1.21
N CYS A 161 -5.34 17.00 2.30
CA CYS A 161 -4.03 17.44 2.73
C CYS A 161 -3.77 16.89 4.12
N ASN A 162 -2.73 16.06 4.24
CA ASN A 162 -2.23 15.65 5.54
C ASN A 162 -1.21 16.69 6.00
N LEU A 163 -1.54 17.41 7.06
CA LEU A 163 -0.71 18.50 7.55
C LEU A 163 0.30 18.04 8.59
N VAL A 164 0.22 16.79 9.06
CA VAL A 164 1.11 16.30 10.11
C VAL A 164 1.86 15.06 9.66
N HIS A 165 1.19 14.12 8.99
CA HIS A 165 1.84 12.90 8.55
C HIS A 165 1.05 12.25 7.42
N GLY A 166 1.77 11.80 6.40
CA GLY A 166 1.19 11.12 5.27
C GLY A 166 1.40 11.90 3.97
N ARG A 167 1.01 11.24 2.88
CA ARG A 167 1.05 11.85 1.57
C ARG A 167 -0.30 12.50 1.27
N ASN A 168 -0.28 13.47 0.36
CA ASN A 168 -1.46 14.22 -0.03
C ASN A 168 -2.11 13.58 -1.26
N PHE A 169 -3.34 14.03 -1.54
CA PHE A 169 -4.09 13.55 -2.70
C PHE A 169 -4.77 14.73 -3.36
N THR A 170 -4.64 14.82 -4.68
CA THR A 170 -5.39 15.78 -5.48
C THR A 170 -6.08 15.02 -6.60
N SER A 171 -7.40 15.19 -6.71
CA SER A 171 -8.16 14.57 -7.77
C SER A 171 -7.87 15.25 -9.11
N LYS A 172 -7.46 14.46 -10.09
CA LYS A 172 -7.68 14.77 -11.49
C LYS A 172 -9.01 14.09 -11.80
N PHE A 173 -9.67 14.45 -12.92
CA PHE A 173 -10.86 13.62 -13.21
C PHE A 173 -12.01 13.74 -12.21
N PRO A 174 -13.16 14.26 -12.64
CA PRO A 174 -13.50 14.37 -14.07
C PRO A 174 -13.17 15.73 -14.63
N ARG A 175 -12.84 16.63 -13.71
CA ARG A 175 -12.69 18.03 -14.00
C ARG A 175 -11.62 18.59 -13.07
N GLN A 176 -11.14 19.78 -13.43
CA GLN A 176 -9.98 20.33 -12.74
C GLN A 176 -10.36 20.93 -11.39
N ILE A 177 -9.60 20.57 -10.36
CA ILE A 177 -9.71 21.11 -9.02
C ILE A 177 -8.44 21.88 -8.72
N VAL A 178 -8.57 23.15 -8.36
CA VAL A 178 -7.42 23.98 -7.99
C VAL A 178 -7.18 23.83 -6.50
N SER A 179 -6.13 23.09 -6.12
CA SER A 179 -5.82 22.78 -4.73
C SER A 179 -4.31 22.85 -4.53
N ASN A 180 -3.86 23.40 -3.39
CA ASN A 180 -2.44 23.59 -3.15
C ASN A 180 -1.90 22.92 -1.88
N CYS A 181 -2.67 22.95 -0.78
CA CYS A 181 -2.42 22.38 0.55
C CYS A 181 -1.36 23.09 1.38
N SER A 182 -0.40 23.71 0.72
CA SER A 182 0.75 24.25 1.45
C SER A 182 0.41 25.66 1.92
N HIS A 183 0.73 25.93 3.19
CA HIS A 183 0.86 27.28 3.72
C HIS A 183 -0.42 27.84 4.38
N GLY A 184 -1.27 26.97 4.95
CA GLY A 184 -2.53 27.44 5.52
C GLY A 184 -3.58 27.83 4.50
N ARG A 185 -3.32 27.54 3.23
CA ARG A 185 -4.30 27.69 2.17
C ARG A 185 -4.81 26.33 1.71
N TRP A 186 -4.67 25.30 2.54
CA TRP A 186 -5.47 24.09 2.41
C TRP A 186 -6.96 24.37 2.56
N SER A 187 -7.32 25.59 2.99
CA SER A 187 -8.69 25.97 3.30
C SER A 187 -9.50 26.40 2.07
N VAL A 188 -8.89 26.48 0.90
CA VAL A 188 -9.53 27.04 -0.28
C VAL A 188 -9.31 26.14 -1.49
N ILE A 189 -10.37 25.94 -2.28
CA ILE A 189 -10.28 25.34 -3.60
C ILE A 189 -11.10 26.20 -4.56
N VAL A 190 -10.80 26.07 -5.85
CA VAL A 190 -11.51 26.79 -6.91
C VAL A 190 -12.05 25.78 -7.92
N ILE A 191 -13.26 26.01 -8.40
CA ILE A 191 -13.83 25.21 -9.48
C ILE A 191 -13.85 26.09 -10.72
N PRO A 192 -12.88 25.95 -11.62
CA PRO A 192 -12.82 26.84 -12.78
C PRO A 192 -13.89 26.48 -13.80
N ASP A 193 -14.58 27.51 -14.30
CA ASP A 193 -15.44 27.37 -15.47
C ASP A 193 -16.55 26.34 -15.21
N VAL A 194 -17.44 26.70 -14.27
CA VAL A 194 -18.48 25.79 -13.82
C VAL A 194 -19.55 25.61 -14.90
N THR A 195 -20.11 24.40 -14.92
CA THR A 195 -21.28 24.03 -15.71
C THR A 195 -22.40 23.65 -14.76
N VAL A 196 -23.62 23.52 -15.29
CA VAL A 196 -24.75 23.11 -14.47
C VAL A 196 -24.45 21.81 -13.74
N SER A 197 -23.74 20.90 -14.38
CA SER A 197 -23.40 19.63 -13.73
C SER A 197 -22.48 19.80 -12.52
N ASP A 198 -21.92 20.98 -12.31
CA ASP A 198 -21.15 21.25 -11.10
C ASP A 198 -22.03 21.59 -9.91
N SER A 199 -23.33 21.81 -10.12
CA SER A 199 -24.26 21.97 -9.03
C SER A 199 -24.19 20.75 -8.12
N GLY A 200 -24.28 21.00 -6.82
CA GLY A 200 -24.20 19.93 -5.85
C GLY A 200 -23.64 20.44 -4.54
N LEU A 201 -23.48 19.51 -3.62
CA LEU A 201 -22.93 19.81 -2.30
C LEU A 201 -21.42 19.63 -2.30
N TYR A 202 -20.73 20.56 -1.63
CA TYR A 202 -19.28 20.56 -1.52
C TYR A 202 -18.92 20.66 -0.05
N ARG A 203 -18.07 19.76 0.42
CA ARG A 203 -17.80 19.61 1.84
C ARG A 203 -16.31 19.71 2.13
N CYS A 204 -15.97 20.52 3.13
CA CYS A 204 -14.63 20.54 3.70
C CYS A 204 -14.71 19.95 5.09
N TYR A 205 -13.91 18.91 5.33
CA TYR A 205 -13.83 18.23 6.62
C TYR A 205 -12.48 18.51 7.24
N LEU A 206 -12.48 18.90 8.51
CA LEU A 206 -11.26 19.21 9.23
C LEU A 206 -11.03 18.18 10.33
N GLN A 207 -9.91 17.48 10.25
CA GLN A 207 -9.51 16.50 11.25
C GLN A 207 -8.44 17.14 12.13
N ALA A 208 -8.75 17.35 13.40
CA ALA A 208 -7.85 18.01 14.32
C ALA A 208 -7.28 17.02 15.33
N SER A 209 -6.59 17.56 16.33
CA SER A 209 -5.69 16.75 17.15
C SER A 209 -6.39 16.20 18.39
N ALA A 210 -6.87 17.10 19.24
CA ALA A 210 -7.71 16.76 20.37
C ALA A 210 -9.18 17.02 20.06
N GLY A 211 -9.51 18.25 19.68
CA GLY A 211 -10.85 18.56 19.23
C GLY A 211 -11.03 18.24 17.77
N GLU A 212 -10.93 16.95 17.43
CA GLU A 212 -11.04 16.50 16.04
C GLU A 212 -12.49 16.62 15.55
N ASN A 213 -12.67 16.34 14.25
CA ASN A 213 -13.99 16.17 13.65
C ASN A 213 -14.90 17.41 13.58
N GLU A 214 -14.60 18.36 12.69
CA GLU A 214 -15.53 19.44 12.32
C GLU A 214 -15.58 19.62 10.81
N THR A 215 -16.71 20.14 10.31
CA THR A 215 -16.94 20.17 8.86
C THR A 215 -17.83 21.34 8.45
N PHE A 216 -17.79 21.64 7.15
CA PHE A 216 -18.53 22.73 6.52
C PHE A 216 -19.02 22.28 5.15
N VAL A 217 -20.32 22.35 4.92
CA VAL A 217 -20.94 21.98 3.65
C VAL A 217 -21.52 23.22 3.00
N MET A 218 -21.37 23.30 1.67
CA MET A 218 -21.90 24.41 0.89
C MET A 218 -22.57 23.88 -0.38
N ARG A 219 -23.78 24.35 -0.66
CA ARG A 219 -24.47 23.97 -1.89
C ARG A 219 -24.11 24.95 -3.00
N LEU A 220 -23.74 24.41 -4.15
CA LEU A 220 -23.50 25.19 -5.36
C LEU A 220 -24.65 24.96 -6.32
N THR A 221 -25.24 26.05 -6.81
CA THR A 221 -26.33 26.00 -7.78
C THR A 221 -25.93 26.86 -8.98
N VAL A 222 -25.72 26.23 -10.12
CA VAL A 222 -25.32 26.92 -11.34
C VAL A 222 -26.55 27.12 -12.23
N ALA A 223 -26.75 28.35 -12.67
CA ALA A 223 -27.86 28.68 -13.56
C ALA A 223 -27.50 28.33 -15.00
N VAL B 3 6.77 -1.75 2.89
CA VAL B 3 7.45 -2.53 1.85
C VAL B 3 8.96 -2.45 2.03
N LEU B 4 9.58 -3.63 2.00
CA LEU B 4 11.00 -3.87 2.08
C LEU B 4 11.53 -4.18 0.68
N TRP B 5 12.77 -4.67 0.59
CA TRP B 5 13.46 -4.85 -0.68
C TRP B 5 13.74 -6.32 -0.99
N HIS B 6 13.94 -6.61 -2.28
CA HIS B 6 14.32 -7.91 -2.79
C HIS B 6 15.83 -8.07 -2.98
N THR B 7 16.50 -7.04 -3.51
CA THR B 7 17.94 -7.04 -3.74
C THR B 7 18.52 -5.76 -3.17
N SER B 8 19.75 -5.85 -2.66
CA SER B 8 20.50 -4.69 -2.17
C SER B 8 21.91 -4.74 -2.75
N VAL B 9 22.39 -3.60 -3.25
CA VAL B 9 23.70 -3.55 -3.89
C VAL B 9 24.48 -2.35 -3.34
N PRO B 10 25.80 -2.40 -3.41
CA PRO B 10 26.62 -1.24 -3.03
C PRO B 10 26.65 -0.20 -4.15
N PHE B 11 27.22 0.96 -3.83
CA PHE B 11 27.25 2.05 -4.79
C PHE B 11 28.36 1.84 -5.82
N ALA B 12 28.07 2.29 -7.04
CA ALA B 12 29.04 2.41 -8.12
C ALA B 12 28.42 3.29 -9.19
N GLU B 13 29.26 4.10 -9.85
CA GLU B 13 28.76 4.93 -10.94
C GLU B 13 28.39 4.11 -12.16
N ASN B 14 28.94 2.90 -12.29
CA ASN B 14 28.53 1.94 -13.31
C ASN B 14 27.73 0.79 -12.70
N MET B 15 26.97 1.06 -11.64
CA MET B 15 26.19 -0.01 -11.02
C MET B 15 25.08 -0.46 -11.95
N SER B 16 24.74 -1.74 -11.85
CA SER B 16 23.66 -2.35 -12.62
C SER B 16 22.65 -2.91 -11.65
N LEU B 17 21.43 -2.38 -11.69
CA LEU B 17 20.35 -2.81 -10.82
C LEU B 17 19.60 -3.90 -11.58
N GLU B 18 19.92 -5.15 -11.27
CA GLU B 18 19.38 -6.26 -12.04
C GLU B 18 17.87 -6.34 -11.88
N CYS B 19 17.19 -6.35 -13.01
CA CYS B 19 15.79 -6.71 -13.03
C CYS B 19 15.68 -7.74 -14.15
N VAL B 20 16.00 -8.98 -13.82
CA VAL B 20 15.75 -10.12 -14.67
C VAL B 20 14.43 -10.70 -14.22
N TYR B 21 13.47 -10.75 -15.12
CA TYR B 21 12.15 -11.19 -14.73
C TYR B 21 11.87 -12.57 -15.28
N PRO B 22 10.86 -13.27 -14.78
CA PRO B 22 10.52 -14.57 -15.35
C PRO B 22 9.72 -14.38 -16.63
N SER B 23 9.84 -15.37 -17.52
CA SER B 23 8.90 -15.45 -18.63
C SER B 23 7.55 -15.89 -18.06
N MET B 24 6.55 -15.02 -18.17
CA MET B 24 5.22 -15.34 -17.64
C MET B 24 4.20 -14.62 -18.52
N GLY B 25 3.57 -15.34 -19.43
CA GLY B 25 2.55 -14.76 -20.28
C GLY B 25 3.15 -13.75 -21.25
N ILE B 26 2.34 -12.76 -21.61
CA ILE B 26 2.76 -11.69 -22.50
C ILE B 26 3.25 -10.51 -21.66
N LEU B 27 4.48 -10.07 -21.91
CA LEU B 27 4.94 -8.81 -21.38
C LEU B 27 4.23 -7.68 -22.09
N THR B 28 3.57 -6.79 -21.35
CA THR B 28 2.84 -5.70 -21.95
C THR B 28 3.45 -4.33 -21.67
N GLN B 29 4.23 -4.20 -20.61
CA GLN B 29 4.80 -2.92 -20.20
C GLN B 29 5.79 -3.16 -19.07
N VAL B 30 6.83 -2.33 -19.02
CA VAL B 30 7.78 -2.28 -17.91
C VAL B 30 7.94 -0.82 -17.52
N GLU B 31 8.03 -0.54 -16.22
CA GLU B 31 8.34 0.80 -15.77
C GLU B 31 9.23 0.75 -14.55
N TRP B 32 10.25 1.62 -14.55
CA TRP B 32 11.19 1.79 -13.44
C TRP B 32 10.83 3.07 -12.68
N PHE B 33 10.74 2.96 -11.36
CA PHE B 33 10.55 4.13 -10.50
C PHE B 33 11.67 4.21 -9.50
N LYS B 34 11.91 5.42 -9.01
CA LYS B 34 12.66 5.63 -7.77
C LYS B 34 11.64 6.00 -6.70
N ILE B 35 11.52 5.16 -5.69
CA ILE B 35 10.58 5.36 -4.59
C ILE B 35 11.33 6.09 -3.48
N GLY B 36 11.09 7.39 -3.36
CA GLY B 36 11.61 8.13 -2.24
C GLY B 36 10.47 8.46 -1.30
N THR B 37 10.34 9.74 -0.93
CA THR B 37 9.10 10.18 -0.32
C THR B 37 7.96 10.24 -1.32
N GLN B 38 8.27 10.22 -2.60
CA GLN B 38 7.29 10.25 -3.68
C GLN B 38 7.75 9.33 -4.80
N GLN B 39 6.78 8.72 -5.49
CA GLN B 39 7.08 7.82 -6.61
C GLN B 39 7.51 8.64 -7.82
N ASP B 40 8.77 8.51 -8.21
CA ASP B 40 9.38 9.31 -9.28
C ASP B 40 9.78 8.38 -10.44
N SER B 41 9.26 8.68 -11.63
CA SER B 41 9.43 7.77 -12.77
C SER B 41 10.80 7.95 -13.43
N ILE B 42 11.48 6.83 -13.66
CA ILE B 42 12.78 6.83 -14.32
C ILE B 42 12.65 6.56 -15.82
N ALA B 43 11.92 5.50 -16.18
CA ALA B 43 11.88 5.00 -17.54
C ALA B 43 10.65 4.12 -17.72
N ILE B 44 10.20 4.00 -18.96
CA ILE B 44 9.02 3.21 -19.28
C ILE B 44 9.24 2.51 -20.61
N PHE B 45 8.80 1.25 -20.71
CA PHE B 45 9.09 0.42 -21.86
C PHE B 45 7.81 -0.17 -22.44
N SER B 46 7.68 -0.08 -23.77
CA SER B 46 6.64 -0.78 -24.51
C SER B 46 7.26 -1.82 -25.42
N PRO B 47 6.72 -3.05 -25.47
CA PRO B 47 7.29 -4.07 -26.35
C PRO B 47 7.09 -3.77 -27.82
N THR B 48 6.27 -2.77 -28.15
CA THR B 48 6.14 -2.29 -29.51
C THR B 48 6.81 -0.94 -29.72
N HIS B 49 6.68 -0.03 -28.77
CA HIS B 49 7.19 1.33 -28.92
C HIS B 49 8.58 1.55 -28.33
N GLY B 50 9.11 0.59 -27.60
CA GLY B 50 10.45 0.78 -27.06
C GLY B 50 10.48 1.57 -25.76
N MET B 51 11.66 2.14 -25.50
CA MET B 51 12.01 2.72 -24.22
C MET B 51 11.92 4.25 -24.26
N VAL B 52 11.32 4.83 -23.22
CA VAL B 52 11.37 6.26 -22.97
C VAL B 52 11.99 6.46 -21.59
N ILE B 53 13.08 7.20 -21.52
CA ILE B 53 13.70 7.58 -20.26
C ILE B 53 13.27 9.00 -19.94
N ARG B 54 12.75 9.19 -18.73
CA ARG B 54 12.31 10.52 -18.32
C ARG B 54 13.50 11.46 -18.23
N LYS B 55 13.24 12.74 -18.52
CA LYS B 55 14.32 13.74 -18.60
C LYS B 55 15.22 13.78 -17.36
N PRO B 56 14.72 13.74 -16.12
CA PRO B 56 15.65 13.75 -14.96
C PRO B 56 16.69 12.64 -14.95
N TYR B 57 16.49 11.53 -15.67
CA TYR B 57 17.46 10.44 -15.64
C TYR B 57 18.07 10.17 -17.01
N ALA B 58 17.88 11.09 -17.96
CA ALA B 58 18.31 10.86 -19.34
C ALA B 58 19.81 10.67 -19.45
N GLU B 59 20.59 11.49 -18.75
CA GLU B 59 22.04 11.30 -18.76
C GLU B 59 22.45 10.13 -17.87
N ARG B 60 21.73 9.91 -16.77
CA ARG B 60 22.19 8.99 -15.73
C ARG B 60 22.25 7.55 -16.21
N VAL B 61 21.15 7.06 -16.80
CA VAL B 61 20.92 5.63 -16.92
C VAL B 61 20.84 5.22 -18.39
N TYR B 62 20.92 3.91 -18.62
CA TYR B 62 20.73 3.33 -19.94
C TYR B 62 20.39 1.86 -19.80
N PHE B 63 19.96 1.27 -20.91
CA PHE B 63 19.49 -0.11 -20.96
C PHE B 63 20.07 -0.78 -22.19
N LEU B 64 20.12 -2.10 -22.16
CA LEU B 64 20.63 -2.87 -23.29
C LEU B 64 19.59 -2.94 -24.40
N ASN B 65 20.07 -2.81 -25.64
CA ASN B 65 19.25 -2.95 -26.85
C ASN B 65 19.33 -4.34 -27.44
N SER B 66 20.10 -5.22 -26.81
CA SER B 66 20.37 -6.56 -27.28
C SER B 66 19.17 -7.44 -26.97
N THR B 67 19.39 -8.75 -26.96
CA THR B 67 18.36 -9.64 -26.47
C THR B 67 17.74 -9.10 -25.18
N MET B 68 16.52 -8.58 -25.31
CA MET B 68 15.63 -8.31 -24.19
C MET B 68 14.70 -9.47 -23.91
N ALA B 69 14.45 -10.29 -24.93
CA ALA B 69 13.70 -11.54 -24.81
C ALA B 69 14.36 -12.53 -23.86
N SER B 70 15.58 -12.25 -23.42
CA SER B 70 16.18 -13.01 -22.33
C SER B 70 15.62 -12.60 -20.97
N ASN B 71 14.52 -11.84 -20.95
CA ASN B 71 13.87 -11.38 -19.73
C ASN B 71 14.75 -10.40 -18.93
N ASN B 72 15.23 -9.36 -19.60
CA ASN B 72 16.21 -8.45 -19.00
C ASN B 72 15.79 -6.99 -19.20
N MET B 73 15.59 -6.28 -18.08
CA MET B 73 15.37 -4.84 -18.06
C MET B 73 16.26 -4.19 -17.01
N THR B 74 17.49 -4.66 -16.89
CA THR B 74 18.42 -4.16 -15.89
C THR B 74 18.75 -2.68 -16.13
N LEU B 75 18.76 -1.91 -15.05
CA LEU B 75 18.98 -0.46 -15.09
C LEU B 75 20.47 -0.19 -14.93
N PHE B 76 21.15 0.06 -16.05
CA PHE B 76 22.56 0.39 -16.05
C PHE B 76 22.75 1.87 -15.78
N PHE B 77 23.67 2.22 -14.89
CA PHE B 77 24.04 3.60 -14.70
C PHE B 77 25.25 3.94 -15.56
N ARG B 78 25.12 5.05 -16.30
CA ARG B 78 26.19 5.65 -17.08
C ARG B 78 27.08 6.50 -16.18
N ASN B 79 26.45 7.24 -15.28
CA ASN B 79 27.09 8.02 -14.24
C ASN B 79 26.12 8.10 -13.07
N ALA B 80 26.66 8.33 -11.87
CA ALA B 80 25.81 8.31 -10.69
C ALA B 80 26.38 9.19 -9.60
N SER B 81 25.50 9.73 -8.76
CA SER B 81 25.86 10.63 -7.67
C SER B 81 25.28 10.11 -6.36
N GLU B 82 25.46 10.91 -5.30
CA GLU B 82 24.88 10.60 -3.99
C GLU B 82 23.38 10.37 -4.07
N ASP B 83 22.70 11.07 -4.97
CA ASP B 83 21.24 11.04 -5.01
C ASP B 83 20.70 9.81 -5.73
N ASP B 84 21.54 9.03 -6.38
CA ASP B 84 21.15 7.74 -6.94
C ASP B 84 21.20 6.63 -5.90
N VAL B 85 21.50 6.97 -4.65
CA VAL B 85 21.36 6.05 -3.52
C VAL B 85 19.90 6.04 -3.10
N GLY B 86 19.39 4.88 -2.71
CA GLY B 86 18.01 4.79 -2.32
C GLY B 86 17.30 3.53 -2.80
N TYR B 87 16.01 3.66 -3.08
CA TYR B 87 15.17 2.52 -3.44
C TYR B 87 14.57 2.70 -4.83
N TYR B 88 14.57 1.60 -5.58
CA TYR B 88 14.06 1.55 -6.93
C TYR B 88 12.94 0.51 -7.01
N SER B 89 12.05 0.70 -7.98
CA SER B 89 10.99 -0.26 -8.26
C SER B 89 11.06 -0.63 -9.73
N CYS B 90 11.25 -1.92 -10.01
CA CYS B 90 11.19 -2.44 -11.36
C CYS B 90 9.88 -3.21 -11.50
N SER B 91 8.95 -2.64 -12.25
CA SER B 91 7.61 -3.17 -12.35
C SER B 91 7.40 -3.76 -13.73
N LEU B 92 7.02 -5.04 -13.75
CA LEU B 92 6.71 -5.78 -14.96
C LEU B 92 5.20 -6.01 -15.02
N TYR B 93 4.58 -5.64 -16.14
CA TYR B 93 3.15 -5.81 -16.34
C TYR B 93 2.93 -6.87 -17.42
N THR B 94 2.24 -7.95 -17.07
CA THR B 94 2.01 -9.07 -17.96
C THR B 94 0.52 -9.36 -18.06
N TYR B 95 0.15 -10.06 -19.14
CA TYR B 95 -1.21 -10.51 -19.38
C TYR B 95 -1.18 -12.01 -19.65
N PRO B 96 -1.98 -12.82 -18.95
CA PRO B 96 -2.99 -12.38 -17.96
C PRO B 96 -2.56 -12.41 -16.49
N GLN B 97 -1.25 -12.58 -16.19
CA GLN B 97 -0.84 -12.78 -14.81
C GLN B 97 -0.89 -11.49 -13.98
N GLY B 98 -0.73 -10.33 -14.62
CA GLY B 98 -0.77 -9.10 -13.84
C GLY B 98 0.60 -8.52 -13.53
N THR B 99 0.75 -7.93 -12.35
CA THR B 99 1.92 -7.15 -12.00
C THR B 99 2.95 -7.98 -11.25
N TRP B 100 4.22 -7.76 -11.59
CA TRP B 100 5.38 -8.41 -10.97
C TRP B 100 6.36 -7.29 -10.62
N GLN B 101 6.67 -7.15 -9.33
CA GLN B 101 7.44 -6.00 -8.87
C GLN B 101 8.66 -6.43 -8.08
N LYS B 102 9.81 -5.86 -8.43
CA LYS B 102 11.07 -6.07 -7.71
C LYS B 102 11.56 -4.72 -7.16
N VAL B 103 11.77 -4.67 -5.84
CA VAL B 103 12.30 -3.50 -5.16
C VAL B 103 13.80 -3.71 -4.97
N ILE B 104 14.60 -2.68 -5.29
CA ILE B 104 16.05 -2.79 -5.28
C ILE B 104 16.61 -1.65 -4.42
N GLN B 105 17.46 -2.02 -3.47
CA GLN B 105 18.07 -1.08 -2.53
C GLN B 105 19.53 -0.83 -2.89
N VAL B 106 19.93 0.44 -2.92
CA VAL B 106 21.31 0.84 -3.16
C VAL B 106 21.83 1.47 -1.87
N VAL B 107 22.91 0.90 -1.31
CA VAL B 107 23.44 1.31 -0.01
C VAL B 107 24.64 2.23 -0.22
N GLN B 108 24.79 3.18 0.71
CA GLN B 108 25.74 4.29 0.57
C GLN B 108 27.14 4.05 1.13
N SER B 109 27.24 3.88 2.44
CA SER B 109 28.43 4.21 3.24
C SER B 109 29.67 3.37 2.95
N ASP B 110 29.62 2.53 1.91
CA ASP B 110 30.61 1.47 1.69
C ASP B 110 30.45 0.41 2.77
N SER B 111 29.20 0.06 3.00
CA SER B 111 28.79 -0.96 3.95
C SER B 111 28.19 -2.13 3.17
N PHE B 112 28.68 -3.34 3.45
CA PHE B 112 28.24 -4.55 2.76
C PHE B 112 28.86 -5.75 3.47
N GLU B 113 28.85 -6.92 2.84
CA GLU B 113 29.18 -8.20 3.45
C GLU B 113 30.46 -8.18 4.29
N ALA B 114 31.26 -7.12 4.17
CA ALA B 114 32.49 -7.02 4.95
C ALA B 114 32.24 -7.15 6.45
N ALA B 115 31.06 -6.73 6.93
CA ALA B 115 30.75 -6.80 8.35
C ALA B 115 29.88 -8.00 8.71
N VAL B 116 29.92 -9.06 7.89
CA VAL B 116 29.04 -10.21 8.12
C VAL B 116 29.89 -11.46 8.43
N PRO B 117 30.13 -11.76 9.72
CA PRO B 117 30.75 -13.04 10.08
C PRO B 117 29.72 -14.13 10.37
N SER B 118 30.05 -15.38 10.10
CA SER B 118 29.13 -16.49 10.31
C SER B 118 29.07 -16.89 11.78
N ASN B 119 27.89 -17.40 12.18
CA ASN B 119 27.70 -18.04 13.48
C ASN B 119 27.71 -19.55 13.38
N SER B 120 27.71 -20.08 12.16
CA SER B 120 27.58 -21.50 11.90
C SER B 120 28.12 -21.75 10.50
N HIS B 121 28.62 -22.95 10.29
CA HIS B 121 29.19 -23.32 9.01
C HIS B 121 28.73 -24.73 8.69
N ILE B 122 28.17 -24.91 7.49
CA ILE B 122 27.69 -26.21 7.05
C ILE B 122 28.37 -26.54 5.73
N VAL B 123 28.82 -27.79 5.62
CA VAL B 123 29.48 -28.28 4.42
C VAL B 123 28.60 -29.38 3.82
N SER B 124 28.44 -29.35 2.51
CA SER B 124 27.55 -30.29 1.84
C SER B 124 28.10 -30.64 0.46
N GLU B 125 27.76 -31.75 0.00
CA GLU B 125 28.16 -32.12 -1.34
C GLU B 125 27.09 -31.73 -2.35
N PRO B 126 27.50 -31.38 -3.57
CA PRO B 126 26.52 -30.96 -4.58
C PRO B 126 25.54 -32.07 -4.90
N GLY B 127 24.29 -31.68 -5.14
CA GLY B 127 23.21 -32.61 -5.38
C GLY B 127 22.34 -32.90 -4.17
N LYS B 128 22.77 -32.44 -3.00
CA LYS B 128 22.03 -32.66 -1.76
C LYS B 128 21.03 -31.54 -1.50
N ASN B 129 19.95 -31.88 -0.81
CA ASN B 129 18.97 -30.91 -0.34
C ASN B 129 19.42 -30.40 1.02
N VAL B 130 19.80 -29.13 1.09
CA VAL B 130 20.35 -28.53 2.32
C VAL B 130 19.24 -27.82 3.07
N THR B 131 19.09 -28.15 4.34
CA THR B 131 18.17 -27.46 5.25
C THR B 131 18.96 -26.46 6.09
N LEU B 132 18.56 -25.20 6.03
CA LEU B 132 19.08 -24.15 6.90
C LEU B 132 18.01 -23.77 7.91
N THR B 133 18.43 -23.30 9.09
CA THR B 133 17.49 -22.99 10.16
C THR B 133 17.90 -21.70 10.86
N CYS B 134 16.87 -20.94 11.25
CA CYS B 134 17.05 -19.82 12.16
C CYS B 134 17.39 -20.31 13.55
N GLN B 135 17.80 -19.39 14.40
CA GLN B 135 18.00 -19.66 15.83
C GLN B 135 17.04 -18.76 16.61
N PRO B 136 15.74 -19.08 16.64
CA PRO B 136 14.79 -18.26 17.38
C PRO B 136 14.97 -18.44 18.87
N GLN B 137 14.98 -17.33 19.60
CA GLN B 137 15.24 -17.33 21.03
C GLN B 137 13.98 -17.35 21.87
N MET B 138 12.81 -17.18 21.25
CA MET B 138 11.51 -17.29 21.93
C MET B 138 11.41 -16.36 23.13
N THR B 139 11.89 -15.11 22.98
CA THR B 139 11.74 -14.08 24.00
C THR B 139 10.96 -12.85 23.54
N TRP B 140 10.77 -12.66 22.23
CA TRP B 140 9.94 -11.59 21.64
C TRP B 140 9.07 -12.34 20.61
N PRO B 141 7.80 -12.03 20.53
CA PRO B 141 7.01 -12.53 19.40
C PRO B 141 7.68 -12.11 18.10
N VAL B 142 7.73 -13.03 17.14
CA VAL B 142 8.41 -12.77 15.87
C VAL B 142 7.43 -12.08 14.94
N GLN B 143 7.68 -10.80 14.64
CA GLN B 143 6.81 -10.07 13.73
C GLN B 143 6.96 -10.58 12.30
N ALA B 144 8.20 -10.70 11.82
CA ALA B 144 8.43 -11.08 10.44
C ALA B 144 9.79 -11.75 10.28
N VAL B 145 9.89 -12.62 9.27
CA VAL B 145 11.08 -13.43 9.01
C VAL B 145 11.61 -13.11 7.61
N ARG B 146 12.93 -12.90 7.51
CA ARG B 146 13.61 -12.66 6.24
C ARG B 146 14.78 -13.61 6.08
N TRP B 147 14.79 -14.35 4.99
CA TRP B 147 15.93 -15.20 4.61
C TRP B 147 16.68 -14.55 3.47
N GLU B 148 17.96 -14.27 3.67
CA GLU B 148 18.76 -13.52 2.71
C GLU B 148 20.05 -14.27 2.36
N LYS B 149 20.50 -14.08 1.12
CA LYS B 149 21.76 -14.60 0.61
C LYS B 149 22.71 -13.41 0.44
N ILE B 150 23.86 -13.48 1.11
CA ILE B 150 24.82 -12.38 1.12
C ILE B 150 25.95 -12.74 0.17
N GLN B 151 26.06 -12.01 -0.93
CA GLN B 151 27.11 -12.15 -1.91
C GLN B 151 28.01 -10.92 -1.89
N PRO B 152 29.18 -10.98 -2.53
CA PRO B 152 30.05 -9.79 -2.55
C PRO B 152 29.44 -8.59 -3.25
N ARG B 153 28.63 -8.76 -4.29
CA ARG B 153 28.09 -7.63 -5.02
C ARG B 153 26.60 -7.39 -4.80
N GLN B 154 25.91 -8.29 -4.09
CA GLN B 154 24.48 -8.13 -3.90
C GLN B 154 24.00 -9.01 -2.75
N ILE B 155 22.95 -8.54 -2.08
CA ILE B 155 22.21 -9.32 -1.10
C ILE B 155 20.80 -9.51 -1.63
N ASP B 156 20.34 -10.75 -1.68
CA ASP B 156 19.06 -11.10 -2.25
C ASP B 156 18.13 -11.69 -1.20
N LEU B 157 16.85 -11.37 -1.33
CA LEU B 157 15.82 -11.95 -0.48
C LEU B 157 15.40 -13.30 -1.03
N LEU B 158 15.51 -14.34 -0.20
CA LEU B 158 15.12 -15.69 -0.56
C LEU B 158 13.69 -16.03 -0.14
N THR B 159 13.31 -15.60 1.06
CA THR B 159 12.01 -15.92 1.64
C THR B 159 11.64 -14.78 2.57
N TYR B 160 10.37 -14.39 2.55
CA TYR B 160 9.82 -13.44 3.51
C TYR B 160 8.53 -13.98 4.06
N CYS B 161 8.33 -13.83 5.37
CA CYS B 161 7.13 -14.32 6.02
C CYS B 161 6.72 -13.34 7.11
N ASN B 162 5.58 -12.69 6.91
CA ASN B 162 4.97 -11.85 7.92
C ASN B 162 4.08 -12.72 8.80
N LEU B 163 4.23 -12.58 10.11
CA LEU B 163 3.52 -13.41 11.07
C LEU B 163 2.44 -12.66 11.82
N VAL B 164 1.99 -11.52 11.30
CA VAL B 164 0.98 -10.65 11.92
C VAL B 164 -0.14 -11.48 12.58
N ASN B 168 2.60 -9.59 3.01
CA ASN B 168 3.11 -10.57 2.04
C ASN B 168 4.15 -9.94 1.12
N PHE B 169 5.13 -10.75 0.73
CA PHE B 169 6.23 -10.30 -0.11
C PHE B 169 6.92 -11.53 -0.70
N THR B 170 6.83 -11.73 -2.01
CA THR B 170 7.38 -12.94 -2.59
C THR B 170 8.79 -12.70 -3.13
N SER B 171 9.61 -13.75 -3.03
CA SER B 171 10.98 -13.65 -3.48
C SER B 171 11.05 -13.55 -5.01
N LYS B 172 11.97 -12.71 -5.49
CA LYS B 172 12.26 -12.65 -6.91
C LYS B 172 13.59 -13.33 -7.24
N PHE B 173 14.16 -14.06 -6.29
CA PHE B 173 15.44 -14.71 -6.50
C PHE B 173 15.26 -16.01 -7.28
N PRO B 174 15.96 -16.19 -8.38
CA PRO B 174 15.85 -17.39 -9.23
C PRO B 174 16.67 -18.56 -8.72
N ARG B 175 16.31 -19.07 -7.54
CA ARG B 175 16.89 -20.30 -6.99
C ARG B 175 15.87 -21.37 -6.67
N GLN B 176 14.57 -21.04 -6.57
CA GLN B 176 13.55 -22.01 -6.18
C GLN B 176 13.86 -22.58 -4.78
N ILE B 177 13.75 -21.68 -3.82
CA ILE B 177 13.92 -22.00 -2.40
C ILE B 177 12.63 -22.59 -1.87
N VAL B 178 12.72 -23.77 -1.26
CA VAL B 178 11.55 -24.45 -0.69
C VAL B 178 11.33 -23.92 0.72
N SER B 179 10.23 -23.17 0.93
CA SER B 179 9.88 -22.61 2.22
C SER B 179 8.37 -22.50 2.31
N ASN B 180 7.84 -22.59 3.53
CA ASN B 180 6.39 -22.50 3.69
C ASN B 180 5.91 -21.40 4.64
N CYS B 181 6.48 -21.35 5.85
CA CYS B 181 6.00 -20.47 6.92
C CYS B 181 4.52 -20.73 7.25
N SER B 182 4.09 -21.98 7.10
CA SER B 182 2.71 -22.33 7.39
C SER B 182 2.46 -22.35 8.89
N HIS B 183 3.11 -23.28 9.62
CA HIS B 183 2.96 -23.40 11.07
C HIS B 183 4.36 -23.57 11.70
N GLY B 184 5.03 -22.45 11.96
CA GLY B 184 6.40 -22.50 12.43
C GLY B 184 7.42 -22.82 11.36
N ARG B 185 6.98 -23.14 10.15
CA ARG B 185 7.89 -23.48 9.06
C ARG B 185 8.83 -22.33 8.69
N TRP B 186 8.51 -21.11 9.13
CA TRP B 186 9.36 -19.96 8.80
C TRP B 186 10.77 -20.10 9.33
N SER B 187 11.01 -21.03 10.27
CA SER B 187 12.32 -21.15 10.88
C SER B 187 13.34 -21.84 9.98
N VAL B 188 12.90 -22.43 8.86
CA VAL B 188 13.78 -23.21 7.99
C VAL B 188 13.49 -22.89 6.52
N ILE B 189 14.51 -23.11 5.70
CA ILE B 189 14.38 -23.13 4.24
C ILE B 189 15.22 -24.29 3.73
N VAL B 190 14.82 -24.85 2.59
CA VAL B 190 15.52 -25.97 1.97
C VAL B 190 16.04 -25.52 0.61
N ILE B 191 17.33 -25.71 0.38
CA ILE B 191 17.96 -25.46 -0.92
C ILE B 191 18.06 -26.80 -1.63
N PRO B 192 17.16 -27.11 -2.55
CA PRO B 192 17.18 -28.44 -3.18
C PRO B 192 18.30 -28.56 -4.19
N ASP B 193 18.86 -29.77 -4.27
CA ASP B 193 19.85 -30.14 -5.30
C ASP B 193 20.95 -29.08 -5.41
N VAL B 194 21.67 -28.90 -4.29
CA VAL B 194 22.56 -27.76 -4.17
C VAL B 194 23.72 -27.85 -5.18
N THR B 195 24.20 -26.69 -5.61
CA THR B 195 25.35 -26.60 -6.52
C THR B 195 26.45 -25.76 -5.88
N VAL B 196 27.63 -25.82 -6.49
CA VAL B 196 28.78 -25.05 -6.03
C VAL B 196 28.46 -23.57 -5.97
N SER B 197 27.65 -23.08 -6.90
CA SER B 197 27.29 -21.67 -6.92
C SER B 197 26.45 -21.25 -5.71
N ASP B 198 25.87 -22.21 -4.99
CA ASP B 198 25.09 -21.91 -3.80
C ASP B 198 25.94 -21.62 -2.58
N SER B 199 27.24 -21.88 -2.63
CA SER B 199 28.12 -21.56 -1.53
C SER B 199 28.01 -20.08 -1.19
N GLY B 200 28.13 -19.77 0.09
CA GLY B 200 28.15 -18.40 0.54
C GLY B 200 27.47 -18.24 1.88
N LEU B 201 27.22 -16.98 2.22
CA LEU B 201 26.61 -16.60 3.48
C LEU B 201 25.10 -16.51 3.35
N TYR B 202 24.40 -17.03 4.36
CA TYR B 202 22.95 -16.98 4.44
C TYR B 202 22.57 -16.40 5.79
N ARG B 203 21.52 -15.59 5.81
CA ARG B 203 21.10 -14.93 7.03
C ARG B 203 19.63 -15.13 7.25
N CYS B 204 19.27 -15.54 8.46
CA CYS B 204 17.90 -15.47 8.93
C CYS B 204 17.76 -14.23 9.80
N TYR B 205 16.80 -13.38 9.46
CA TYR B 205 16.56 -12.12 10.14
C TYR B 205 15.17 -12.17 10.75
N LEU B 206 15.08 -11.95 12.06
CA LEU B 206 13.83 -12.04 12.80
C LEU B 206 13.47 -10.67 13.35
N GLN B 207 12.35 -10.12 12.89
CA GLN B 207 11.89 -8.82 13.35
C GLN B 207 10.92 -9.01 14.50
N ALA B 208 11.17 -8.29 15.60
CA ALA B 208 10.32 -8.38 16.78
C ALA B 208 9.17 -7.38 16.70
N SER B 209 8.07 -7.70 17.38
CA SER B 209 6.89 -6.84 17.35
C SER B 209 7.17 -5.48 18.00
N ALA B 210 7.75 -5.50 19.20
CA ALA B 210 8.14 -4.29 19.91
C ALA B 210 9.47 -4.48 20.63
N GLY B 211 10.49 -4.98 19.94
CA GLY B 211 11.77 -5.20 20.58
C GLY B 211 12.98 -5.05 19.69
N GLU B 212 13.94 -5.95 19.85
CA GLU B 212 15.14 -5.97 19.04
C GLU B 212 15.13 -7.21 18.15
N ASN B 213 15.88 -7.13 17.06
CA ASN B 213 15.84 -8.12 15.99
C ASN B 213 17.00 -9.10 16.10
N GLU B 214 16.73 -10.37 15.81
CA GLU B 214 17.78 -11.37 15.84
C GLU B 214 18.41 -11.55 14.48
N THR B 215 19.65 -12.01 14.53
CA THR B 215 20.44 -12.25 13.35
C THR B 215 21.18 -13.56 13.55
N PHE B 216 20.97 -14.48 12.63
CA PHE B 216 21.71 -15.73 12.58
C PHE B 216 22.27 -15.85 11.17
N VAL B 217 23.59 -15.83 11.06
CA VAL B 217 24.29 -15.95 9.78
C VAL B 217 24.98 -17.30 9.73
N MET B 218 24.82 -18.00 8.61
CA MET B 218 25.44 -19.30 8.43
C MET B 218 26.14 -19.35 7.08
N ARG B 219 27.32 -19.95 7.06
CA ARG B 219 28.05 -20.16 5.82
C ARG B 219 27.78 -21.57 5.32
N LEU B 220 27.41 -21.67 4.04
CA LEU B 220 27.28 -22.93 3.35
C LEU B 220 28.41 -23.06 2.34
N THR B 221 29.12 -24.18 2.37
CA THR B 221 30.18 -24.47 1.41
C THR B 221 29.85 -25.80 0.74
N VAL B 222 29.78 -25.78 -0.58
CA VAL B 222 29.40 -26.95 -1.37
C VAL B 222 30.64 -27.52 -2.04
N ALA B 223 30.84 -28.84 -1.90
CA ALA B 223 32.00 -29.51 -2.46
C ALA B 223 31.96 -29.52 -3.98
N VAL C 3 12.98 -1.17 19.96
CA VAL C 3 11.66 -0.56 20.02
C VAL C 3 11.17 -0.48 21.46
N LEU C 4 10.60 0.68 21.76
CA LEU C 4 10.14 1.15 23.07
C LEU C 4 8.69 1.54 22.89
N TRP C 5 8.17 2.45 23.73
CA TRP C 5 6.78 2.84 23.66
C TRP C 5 6.62 4.28 23.17
N HIS C 6 5.46 4.54 22.54
CA HIS C 6 5.03 5.87 22.09
C HIS C 6 4.20 6.60 23.13
N THR C 7 3.32 5.89 23.82
CA THR C 7 2.45 6.43 24.84
C THR C 7 2.52 5.52 26.05
N SER C 8 2.58 6.12 27.25
CA SER C 8 2.60 5.38 28.50
C SER C 8 1.47 5.87 29.38
N VAL C 9 0.66 4.95 29.89
CA VAL C 9 -0.48 5.31 30.73
C VAL C 9 -0.40 4.51 32.02
N PRO C 10 -1.00 5.01 33.10
CA PRO C 10 -1.10 4.22 34.33
C PRO C 10 -2.31 3.30 34.30
N PHE C 11 -2.20 2.18 35.01
CA PHE C 11 -3.26 1.19 35.01
C PHE C 11 -4.53 1.73 35.66
N ALA C 12 -5.68 1.32 35.12
CA ALA C 12 -6.98 1.60 35.70
C ALA C 12 -7.99 0.61 35.14
N GLU C 13 -9.00 0.29 35.94
CA GLU C 13 -10.04 -0.63 35.51
C GLU C 13 -10.77 -0.11 34.27
N ASN C 14 -10.86 1.20 34.11
CA ASN C 14 -11.54 1.83 32.98
C ASN C 14 -10.56 2.62 32.12
N MET C 15 -9.30 2.18 32.07
CA MET C 15 -8.29 2.85 31.25
C MET C 15 -8.63 2.69 29.77
N SER C 16 -8.32 3.73 29.00
CA SER C 16 -8.50 3.71 27.56
C SER C 16 -7.14 3.96 26.89
N LEU C 17 -6.83 3.18 25.88
CA LEU C 17 -5.54 3.24 25.19
C LEU C 17 -5.75 3.95 23.86
N GLU C 18 -5.38 5.24 23.82
CA GLU C 18 -5.64 6.10 22.68
C GLU C 18 -4.79 5.70 21.47
N CYS C 19 -5.43 5.67 20.30
CA CYS C 19 -4.74 5.33 19.05
C CYS C 19 -5.31 6.23 17.97
N VAL C 20 -4.64 7.33 17.65
CA VAL C 20 -5.15 8.19 16.59
C VAL C 20 -4.07 8.41 15.53
N TYR C 21 -3.94 7.42 14.66
CA TYR C 21 -4.58 7.52 13.34
C TYR C 21 -5.12 6.10 13.14
N GLY C 25 -5.91 8.82 4.75
CA GLY C 25 -5.82 7.90 3.64
C GLY C 25 -6.79 6.73 3.66
N ILE C 26 -6.39 5.63 3.04
CA ILE C 26 -7.23 4.45 2.87
C ILE C 26 -6.76 3.39 3.86
N LEU C 27 -7.59 3.11 4.87
CA LEU C 27 -7.24 2.15 5.92
C LEU C 27 -7.81 0.78 5.57
N THR C 28 -6.93 -0.21 5.45
CA THR C 28 -7.36 -1.55 5.07
C THR C 28 -7.42 -2.53 6.24
N GLN C 29 -6.72 -2.25 7.34
CA GLN C 29 -6.74 -3.16 8.48
C GLN C 29 -6.23 -2.44 9.73
N VAL C 30 -6.92 -2.68 10.85
CA VAL C 30 -6.50 -2.25 12.18
C VAL C 30 -6.49 -3.47 13.08
N GLU C 31 -5.44 -3.60 13.90
CA GLU C 31 -5.37 -4.71 14.84
C GLU C 31 -4.68 -4.29 16.13
N TRP C 32 -5.27 -4.71 17.25
CA TRP C 32 -4.71 -4.52 18.59
C TRP C 32 -4.06 -5.82 19.05
N PHE C 33 -2.83 -5.71 19.56
CA PHE C 33 -2.10 -6.83 20.13
C PHE C 33 -1.66 -6.51 21.54
N LYS C 34 -1.54 -7.54 22.37
CA LYS C 34 -0.85 -7.43 23.65
C LYS C 34 0.52 -8.07 23.49
N ILE C 35 1.57 -7.31 23.81
CA ILE C 35 2.95 -7.74 23.62
C ILE C 35 3.53 -8.09 24.98
N GLY C 36 3.76 -9.39 25.22
CA GLY C 36 4.46 -9.81 26.42
C GLY C 36 5.71 -10.57 26.02
N THR C 37 5.81 -11.83 26.42
CA THR C 37 6.77 -12.73 25.82
C THR C 37 6.28 -13.28 24.49
N GLN C 38 4.98 -13.13 24.21
CA GLN C 38 4.40 -13.48 22.92
C GLN C 38 3.36 -12.43 22.54
N GLN C 39 2.85 -12.54 21.32
CA GLN C 39 1.92 -11.56 20.75
C GLN C 39 0.52 -12.15 20.71
N ASP C 40 -0.37 -11.59 21.53
CA ASP C 40 -1.77 -12.03 21.58
C ASP C 40 -2.67 -11.00 20.90
N SER C 41 -3.53 -11.47 20.00
CA SER C 41 -4.43 -10.59 19.28
C SER C 41 -5.63 -10.21 20.16
N ILE C 42 -5.97 -8.93 20.17
CA ILE C 42 -7.09 -8.42 20.95
C ILE C 42 -8.33 -8.21 20.09
N ALA C 43 -8.17 -7.48 18.99
CA ALA C 43 -9.28 -7.13 18.11
C ALA C 43 -8.72 -6.78 16.74
N ILE C 44 -9.49 -7.08 15.70
CA ILE C 44 -9.09 -6.82 14.33
C ILE C 44 -10.25 -6.19 13.57
N PHE C 45 -9.93 -5.25 12.69
CA PHE C 45 -10.90 -4.49 11.92
C PHE C 45 -10.52 -4.50 10.44
N SER C 46 -11.52 -4.62 9.58
CA SER C 46 -11.36 -4.40 8.15
C SER C 46 -12.60 -3.70 7.62
N PRO C 47 -12.47 -2.90 6.55
CA PRO C 47 -13.64 -2.22 6.00
C PRO C 47 -14.72 -3.17 5.45
N THR C 48 -14.38 -4.42 5.19
CA THR C 48 -15.36 -5.39 4.70
C THR C 48 -16.05 -6.13 5.85
N HIS C 49 -15.30 -6.48 6.90
CA HIS C 49 -15.81 -7.32 7.97
C HIS C 49 -16.16 -6.56 9.25
N GLY C 50 -15.76 -5.29 9.37
CA GLY C 50 -16.01 -4.54 10.59
C GLY C 50 -15.01 -4.88 11.68
N MET C 51 -15.35 -4.48 12.91
CA MET C 51 -14.50 -4.73 14.06
C MET C 51 -14.90 -6.04 14.72
N VAL C 52 -13.96 -6.97 14.84
CA VAL C 52 -14.18 -8.28 15.42
C VAL C 52 -13.21 -8.44 16.59
N ILE C 53 -13.76 -8.44 17.80
CA ILE C 53 -12.97 -8.59 19.02
C ILE C 53 -12.70 -10.06 19.26
N ARG C 54 -11.46 -10.40 19.62
CA ARG C 54 -11.12 -11.77 19.94
C ARG C 54 -11.72 -12.16 21.30
N LYS C 55 -12.12 -13.44 21.42
CA LYS C 55 -12.86 -13.96 22.56
C LYS C 55 -12.18 -13.74 23.91
N PRO C 56 -10.84 -13.89 24.04
CA PRO C 56 -10.22 -13.65 25.35
C PRO C 56 -10.36 -12.23 25.88
N TYR C 57 -10.67 -11.24 25.04
CA TYR C 57 -10.85 -9.87 25.50
C TYR C 57 -12.29 -9.40 25.34
N ALA C 58 -13.21 -10.30 24.99
CA ALA C 58 -14.59 -9.92 24.70
C ALA C 58 -15.26 -9.25 25.89
N GLU C 59 -15.01 -9.73 27.10
CA GLU C 59 -15.59 -9.15 28.31
C GLU C 59 -14.72 -8.06 28.91
N ARG C 60 -13.59 -7.71 28.29
CA ARG C 60 -12.68 -6.73 28.83
C ARG C 60 -12.77 -5.37 28.13
N VAL C 61 -12.84 -5.37 26.80
CA VAL C 61 -12.61 -4.16 26.04
C VAL C 61 -13.78 -3.90 25.08
N TYR C 62 -13.88 -2.63 24.67
CA TYR C 62 -14.89 -2.21 23.70
C TYR C 62 -14.35 -1.04 22.90
N PHE C 63 -15.05 -0.71 21.82
CA PHE C 63 -14.70 0.40 20.96
C PHE C 63 -15.91 1.29 20.74
N LEU C 64 -15.68 2.60 20.83
CA LEU C 64 -16.68 3.61 20.48
C LEU C 64 -16.47 3.92 19.02
N ASN C 65 -17.11 3.15 18.14
CA ASN C 65 -16.88 3.29 16.72
C ASN C 65 -17.53 4.57 16.21
N SER C 66 -16.83 5.68 16.37
CA SER C 66 -17.27 6.98 15.89
C SER C 66 -16.82 7.11 14.43
N THR C 67 -16.82 8.32 13.89
CA THR C 67 -16.17 8.56 12.62
C THR C 67 -14.86 7.78 12.53
N MET C 68 -14.83 6.81 11.60
CA MET C 68 -13.60 6.09 11.32
C MET C 68 -12.70 6.85 10.36
N ALA C 69 -13.27 7.77 9.57
CA ALA C 69 -12.51 8.69 8.73
C ALA C 69 -11.73 9.71 9.55
N SER C 70 -12.02 9.84 10.84
CA SER C 70 -11.18 10.62 11.74
C SER C 70 -9.96 9.84 12.21
N ASN C 71 -9.86 8.56 11.87
CA ASN C 71 -8.76 7.68 12.24
C ASN C 71 -8.63 7.51 13.74
N ASN C 72 -9.64 6.93 14.38
CA ASN C 72 -9.69 6.72 15.83
C ASN C 72 -10.09 5.28 16.13
N MET C 73 -9.21 4.55 16.81
CA MET C 73 -9.45 3.16 17.20
C MET C 73 -9.08 2.92 18.66
N THR C 74 -9.35 3.91 19.51
CA THR C 74 -8.99 3.84 20.93
C THR C 74 -9.60 2.62 21.61
N LEU C 75 -8.76 1.87 22.32
CA LEU C 75 -9.17 0.65 23.01
C LEU C 75 -9.63 0.98 24.42
N PHE C 76 -10.90 0.76 24.70
CA PHE C 76 -11.49 1.04 26.01
C PHE C 76 -11.58 -0.23 26.82
N PHE C 77 -10.95 -0.21 27.99
CA PHE C 77 -11.20 -1.24 29.00
C PHE C 77 -12.40 -0.81 29.82
N ARG C 78 -13.41 -1.68 29.91
CA ARG C 78 -14.50 -1.51 30.85
C ARG C 78 -14.21 -2.19 32.17
N ASN C 79 -13.49 -3.30 32.13
CA ASN C 79 -12.88 -3.92 33.29
C ASN C 79 -11.45 -4.29 32.90
N ALA C 80 -10.52 -4.13 33.85
CA ALA C 80 -9.13 -4.44 33.60
C ALA C 80 -8.55 -5.05 34.87
N SER C 81 -7.69 -6.05 34.69
CA SER C 81 -7.10 -6.77 35.82
C SER C 81 -5.61 -6.46 35.89
N GLU C 82 -4.95 -7.09 36.87
CA GLU C 82 -3.52 -6.89 37.05
C GLU C 82 -2.72 -7.31 35.82
N ASP C 83 -3.22 -8.31 35.08
CA ASP C 83 -2.50 -8.83 33.93
C ASP C 83 -2.71 -8.00 32.67
N ASP C 84 -3.51 -6.94 32.74
CA ASP C 84 -3.62 -6.00 31.63
C ASP C 84 -2.51 -4.96 31.65
N VAL C 85 -1.67 -4.99 32.69
CA VAL C 85 -0.42 -4.24 32.68
C VAL C 85 0.51 -4.85 31.64
N GLY C 86 1.30 -3.99 30.99
CA GLY C 86 2.22 -4.47 29.97
C GLY C 86 2.23 -3.62 28.73
N TYR C 87 2.56 -4.21 27.60
CA TYR C 87 2.73 -3.48 26.35
C TYR C 87 1.62 -3.84 25.36
N TYR C 88 1.15 -2.83 24.65
CA TYR C 88 0.10 -2.98 23.65
C TYR C 88 0.58 -2.40 22.32
N SER C 89 0.09 -2.98 21.24
CA SER C 89 0.40 -2.53 19.89
C SER C 89 -0.90 -2.23 19.16
N CYS C 90 -1.01 -1.01 18.63
CA CYS C 90 -2.11 -0.61 17.77
C CYS C 90 -1.57 -0.60 16.34
N SER C 91 -1.81 -1.68 15.61
CA SER C 91 -1.20 -1.89 14.30
C SER C 91 -2.15 -1.48 13.18
N LEU C 92 -1.61 -0.77 12.17
CA LEU C 92 -2.40 -0.12 11.14
C LEU C 92 -1.80 -0.34 9.76
N TYR C 93 -2.64 -0.69 8.80
CA TYR C 93 -2.23 -0.92 7.41
C TYR C 93 -3.01 -0.01 6.48
N THR C 94 -2.29 0.76 5.67
CA THR C 94 -2.87 1.72 4.75
C THR C 94 -2.54 1.34 3.31
N TYR C 95 -3.32 1.88 2.38
CA TYR C 95 -3.25 1.45 0.99
C TYR C 95 -2.49 2.45 0.13
N PRO C 96 -1.43 2.04 -0.58
CA PRO C 96 -0.74 0.75 -0.48
C PRO C 96 0.51 0.86 0.37
N GLN C 97 0.57 1.91 1.19
CA GLN C 97 1.79 2.24 1.92
C GLN C 97 2.19 1.13 2.89
N GLY C 98 1.23 0.60 3.64
CA GLY C 98 1.55 -0.40 4.62
C GLY C 98 1.51 0.05 6.07
N THR C 99 2.57 -0.25 6.81
CA THR C 99 2.50 -0.31 8.26
C THR C 99 2.51 1.07 8.93
N TRP C 100 1.87 1.11 10.10
CA TRP C 100 1.88 2.23 11.04
C TRP C 100 1.57 1.62 12.39
N GLN C 101 2.48 1.74 13.35
CA GLN C 101 2.35 1.02 14.61
C GLN C 101 2.59 1.96 15.78
N LYS C 102 1.61 2.01 16.69
CA LYS C 102 1.73 2.72 17.96
C LYS C 102 1.83 1.71 19.10
N VAL C 103 2.89 1.82 19.88
CA VAL C 103 3.12 0.97 21.04
C VAL C 103 2.73 1.76 22.29
N ILE C 104 1.99 1.11 23.19
CA ILE C 104 1.45 1.75 24.38
C ILE C 104 1.82 0.92 25.61
N GLN C 105 2.31 1.59 26.64
CA GLN C 105 2.72 0.96 27.88
C GLN C 105 1.69 1.22 28.97
N VAL C 106 1.29 0.16 29.67
CA VAL C 106 0.40 0.24 30.81
C VAL C 106 1.21 -0.07 32.06
N VAL C 107 1.30 0.89 32.97
CA VAL C 107 2.17 0.82 34.15
C VAL C 107 1.35 0.47 35.38
N GLN C 108 1.87 -0.45 36.20
CA GLN C 108 1.12 -0.92 37.36
C GLN C 108 1.29 -0.01 38.58
N SER C 109 2.45 0.62 38.75
CA SER C 109 2.68 1.44 39.93
C SER C 109 1.83 2.72 39.94
N ASP C 110 1.09 3.00 38.88
CA ASP C 110 0.29 4.21 38.76
C ASP C 110 1.16 5.46 38.89
#